data_4D8B
#
_entry.id   4D8B
#
_cell.length_a   114.994
_cell.length_b   50.112
_cell.length_c   41.887
_cell.angle_alpha   90.00
_cell.angle_beta   90.00
_cell.angle_gamma   90.00
#
_symmetry.space_group_name_H-M   'P 21 21 2'
#
loop_
_entity.id
_entity.type
_entity.pdbx_description
1 polymer Streptopain
2 non-polymer 'NITRATE ION'
3 water water
#
_entity_poly.entity_id   1
_entity_poly.type   'polypeptide(L)'
_entity_poly.pdbx_seq_one_letter_code
;QPVVKSLLNSKGIHYNQGNPYNLLTPVIEKVKPGEQSFVGQHAATGCVATATAQIMKYHNYPNKGLKDYTYTLSSNNPYF
NHPKNLFAAISTRQYNWNNILPTYSGRESNVQKMAISELMADVGISVDMDYGPSSGSAGSSRVQRALKENFGYNQSVHQI
NRSDFSKQDWEAQIDKELSQNQPVYYQGVGKVGGHAFVIDGADGRNFYHVNWGWGGVSDGFFRLDALNPSALGTGGGAGG
FNGYQSAVVGIKPLEHHHHHH
;
_entity_poly.pdbx_strand_id   A
#
# COMPACT_ATOMS: atom_id res chain seq x y z
N GLN A 1 -19.88 3.15 17.50
CA GLN A 1 -18.61 2.78 16.90
C GLN A 1 -17.62 2.40 18.00
N PRO A 2 -17.12 1.15 17.99
CA PRO A 2 -16.16 0.78 19.05
C PRO A 2 -14.84 1.54 18.97
N VAL A 3 -14.21 1.79 20.12
CA VAL A 3 -12.87 2.38 20.16
C VAL A 3 -11.80 1.30 19.99
N VAL A 4 -10.94 1.49 19.00
CA VAL A 4 -9.84 0.57 18.71
C VAL A 4 -8.58 1.40 18.54
N LYS A 5 -7.57 1.15 19.36
CA LYS A 5 -6.32 1.88 19.25
C LYS A 5 -5.55 1.39 18.03
N SER A 6 -4.90 2.31 17.34
CA SER A 6 -4.16 2.00 16.12
C SER A 6 -3.41 0.68 16.18
N LEU A 7 -3.80 -0.23 15.30
CA LEU A 7 -3.19 -1.55 15.27
C LEU A 7 -1.75 -1.48 14.75
N LEU A 8 -1.50 -0.71 13.71
CA LEU A 8 -0.13 -0.59 13.23
C LEU A 8 0.76 0.10 14.27
N ASN A 9 0.26 1.16 14.92
CA ASN A 9 1.08 1.83 15.92
C ASN A 9 1.45 0.86 17.06
N SER A 10 0.53 -0.03 17.41
CA SER A 10 0.75 -0.96 18.50
C SER A 10 1.92 -1.90 18.22
N LYS A 11 2.24 -2.11 16.95
CA LYS A 11 3.35 -2.96 16.54
C LYS A 11 4.53 -2.19 15.97
N GLY A 12 4.48 -0.87 16.06
CA GLY A 12 5.57 -0.04 15.57
C GLY A 12 5.73 -0.04 14.07
N ILE A 13 4.66 -0.29 13.32
CA ILE A 13 4.77 -0.43 11.87
C ILE A 13 4.53 0.93 11.20
N HIS A 14 5.55 1.39 10.50
CA HIS A 14 5.52 2.69 9.83
C HIS A 14 6.41 2.59 8.62
N TYR A 15 5.80 2.41 7.45
CA TYR A 15 6.53 2.35 6.20
C TYR A 15 6.28 3.63 5.36
N ASN A 16 7.07 3.77 4.31
CA ASN A 16 7.02 4.93 3.43
C ASN A 16 7.27 4.42 2.01
N GLN A 17 7.49 5.35 1.08
CA GLN A 17 7.63 5.02 -0.34
C GLN A 17 9.02 5.26 -0.90
N GLY A 18 9.87 5.94 -0.14
CA GLY A 18 11.23 6.28 -0.57
C GLY A 18 12.24 5.37 0.09
N ASN A 19 13.46 5.85 0.29
CA ASN A 19 14.51 5.01 0.85
C ASN A 19 14.21 4.74 2.32
N PRO A 20 14.52 3.54 2.81
CA PRO A 20 15.12 2.37 2.17
C PRO A 20 14.08 1.34 1.73
N TYR A 21 12.87 1.80 1.43
CA TYR A 21 11.76 0.95 1.00
C TYR A 21 11.78 0.70 -0.51
N ASN A 22 12.41 1.59 -1.27
CA ASN A 22 12.37 1.54 -2.72
C ASN A 22 13.71 1.18 -3.36
N LEU A 23 14.56 0.45 -2.63
CA LEU A 23 15.88 0.12 -3.16
C LEU A 23 15.85 -0.88 -4.31
N LEU A 24 14.71 -1.51 -4.55
CA LEU A 24 14.59 -2.49 -5.61
C LEU A 24 13.50 -2.17 -6.62
N THR A 25 12.89 -0.99 -6.54
CA THR A 25 11.98 -0.58 -7.61
C THR A 25 12.81 -0.18 -8.84
N PRO A 26 12.17 -0.04 -10.00
CA PRO A 26 12.94 0.31 -11.20
C PRO A 26 13.56 1.69 -11.09
N VAL A 27 14.76 1.83 -11.63
CA VAL A 27 15.48 3.09 -11.68
C VAL A 27 14.99 3.88 -12.89
N ILE A 28 14.53 5.10 -12.62
CA ILE A 28 13.98 5.96 -13.65
C ILE A 28 15.02 6.27 -14.72
N GLU A 29 14.58 6.20 -15.97
CA GLU A 29 15.45 6.32 -17.15
C GLU A 29 15.33 7.61 -17.93
N LYS A 30 14.19 8.29 -17.84
CA LYS A 30 13.91 9.44 -18.68
C LYS A 30 13.30 10.57 -17.88
N VAL A 31 13.44 11.76 -18.44
CA VAL A 31 12.84 12.98 -17.91
C VAL A 31 11.47 13.17 -18.55
N LYS A 32 10.45 13.44 -17.75
CA LYS A 32 9.14 13.79 -18.27
C LYS A 32 9.18 15.25 -18.70
N PRO A 33 8.73 15.55 -19.93
CA PRO A 33 8.77 16.95 -20.35
C PRO A 33 8.03 17.85 -19.38
N GLY A 34 8.64 18.95 -19.01
CA GLY A 34 8.04 19.89 -18.08
C GLY A 34 8.27 19.60 -16.61
N GLU A 35 9.03 18.56 -16.31
CA GLU A 35 9.29 18.16 -14.94
C GLU A 35 10.80 18.07 -14.71
N GLN A 36 11.26 18.38 -13.51
CA GLN A 36 12.68 18.19 -13.21
C GLN A 36 13.05 16.71 -13.33
N SER A 37 14.33 16.47 -13.51
CA SER A 37 14.80 15.11 -13.71
C SER A 37 14.78 14.28 -12.44
N PHE A 38 14.28 13.06 -12.57
CA PHE A 38 14.40 12.03 -11.54
C PHE A 38 15.24 10.86 -12.07
N VAL A 39 15.93 11.07 -13.19
CA VAL A 39 16.74 10.00 -13.78
C VAL A 39 17.78 9.52 -12.78
N GLY A 40 17.88 8.20 -12.65
CA GLY A 40 18.81 7.62 -11.72
C GLY A 40 18.25 7.38 -10.33
N GLN A 41 17.06 7.91 -10.04
CA GLN A 41 16.39 7.61 -8.78
C GLN A 41 15.58 6.34 -8.93
N HIS A 42 15.46 5.58 -7.86
CA HIS A 42 14.46 4.54 -7.81
C HIS A 42 13.08 5.17 -7.77
N ALA A 43 12.17 4.56 -8.52
CA ALA A 43 10.78 4.99 -8.48
C ALA A 43 10.19 4.83 -7.07
N ALA A 44 9.19 5.62 -6.77
CA ALA A 44 8.45 5.44 -5.52
C ALA A 44 7.87 4.03 -5.46
N THR A 45 7.74 3.48 -4.27
CA THR A 45 7.12 2.16 -4.16
C THR A 45 5.66 2.17 -4.61
N GLY A 46 4.98 3.30 -4.46
CA GLY A 46 3.55 3.40 -4.72
C GLY A 46 2.75 3.25 -3.45
N CYS A 47 1.76 4.10 -3.26
CA CYS A 47 0.93 4.03 -2.07
C CYS A 47 0.26 2.67 -1.90
N VAL A 48 -0.11 2.04 -3.01
CA VAL A 48 -0.81 0.77 -2.93
C VAL A 48 0.12 -0.29 -2.35
N ALA A 49 1.38 -0.28 -2.78
CA ALA A 49 2.36 -1.21 -2.26
C ALA A 49 2.67 -0.96 -0.79
N THR A 50 2.85 0.31 -0.42
CA THR A 50 3.18 0.64 0.96
C THR A 50 2.04 0.25 1.92
N ALA A 51 0.80 0.55 1.53
CA ALA A 51 -0.35 0.18 2.35
C ALA A 51 -0.40 -1.32 2.54
N THR A 52 -0.31 -2.06 1.44
CA THR A 52 -0.42 -3.50 1.48
C THR A 52 0.72 -4.09 2.29
N ALA A 53 1.94 -3.59 2.09
CA ALA A 53 3.09 -4.12 2.82
C ALA A 53 2.97 -3.90 4.33
N GLN A 54 2.44 -2.76 4.75
CA GLN A 54 2.24 -2.53 6.19
C GLN A 54 1.29 -3.58 6.78
N ILE A 55 0.22 -3.89 6.05
CA ILE A 55 -0.74 -4.87 6.52
C ILE A 55 -0.09 -6.26 6.54
N MET A 56 0.69 -6.60 5.52
CA MET A 56 1.37 -7.89 5.51
C MET A 56 2.33 -8.01 6.69
N LYS A 57 3.03 -6.92 7.02
CA LYS A 57 3.93 -6.94 8.17
C LYS A 57 3.15 -7.17 9.47
N TYR A 58 1.96 -6.60 9.57
CA TYR A 58 1.13 -6.81 10.74
C TYR A 58 0.92 -8.30 10.98
N HIS A 59 0.78 -9.08 9.90
CA HIS A 59 0.55 -10.52 9.98
C HIS A 59 1.81 -11.37 9.90
N ASN A 60 2.94 -10.76 9.57
CA ASN A 60 4.18 -11.50 9.31
C ASN A 60 3.92 -12.73 8.43
N TYR A 61 3.31 -12.48 7.28
CA TYR A 61 2.81 -13.56 6.45
C TYR A 61 2.82 -13.11 4.99
N PRO A 62 3.18 -14.01 4.06
CA PRO A 62 3.50 -15.44 4.22
C PRO A 62 4.99 -15.66 4.39
N ASN A 63 5.36 -16.84 4.90
CA ASN A 63 6.77 -17.22 4.91
C ASN A 63 7.27 -17.55 3.52
N LYS A 64 6.39 -18.08 2.69
CA LYS A 64 6.73 -18.49 1.33
C LYS A 64 5.74 -17.88 0.35
N GLY A 65 6.24 -17.17 -0.65
CA GLY A 65 5.39 -16.71 -1.73
C GLY A 65 4.87 -17.87 -2.57
N LEU A 66 3.75 -17.65 -3.26
CA LEU A 66 3.07 -18.73 -3.97
C LEU A 66 3.21 -18.76 -5.48
N LYS A 67 3.18 -17.59 -6.11
CA LYS A 67 3.05 -17.53 -7.57
C LYS A 67 3.73 -16.27 -8.08
N ASP A 68 4.52 -16.42 -9.13
CA ASP A 68 5.22 -15.30 -9.75
C ASP A 68 4.22 -14.37 -10.44
N TYR A 69 4.65 -13.14 -10.70
CA TYR A 69 3.83 -12.18 -11.41
C TYR A 69 4.68 -11.42 -12.42
N THR A 70 4.10 -11.14 -13.58
CA THR A 70 4.76 -10.44 -14.68
C THR A 70 3.77 -9.46 -15.29
N TYR A 71 4.24 -8.27 -15.66
CA TYR A 71 3.42 -7.36 -16.45
C TYR A 71 4.35 -6.43 -17.23
N THR A 72 3.75 -5.69 -18.14
CA THR A 72 4.47 -4.72 -18.96
C THR A 72 3.97 -3.31 -18.64
N LEU A 73 4.88 -2.38 -18.41
CA LEU A 73 4.49 -0.99 -18.17
C LEU A 73 3.73 -0.43 -19.36
N SER A 74 2.81 0.47 -19.08
CA SER A 74 2.16 1.21 -20.14
C SER A 74 3.17 2.01 -20.94
N SER A 75 3.04 1.99 -22.26
CA SER A 75 3.92 2.78 -23.10
C SER A 75 3.68 4.29 -22.95
N ASN A 76 2.60 4.67 -22.27
CA ASN A 76 2.37 6.07 -21.90
C ASN A 76 3.25 6.56 -20.75
N ASN A 77 3.94 5.66 -20.07
CA ASN A 77 4.77 6.05 -18.95
C ASN A 77 6.02 6.74 -19.49
N PRO A 78 6.22 8.03 -19.12
CA PRO A 78 7.30 8.80 -19.72
C PRO A 78 8.67 8.60 -19.06
N TYR A 79 8.73 7.73 -18.06
CA TYR A 79 9.93 7.59 -17.24
C TYR A 79 10.86 6.46 -17.66
N PHE A 80 10.38 5.61 -18.55
CA PHE A 80 11.11 4.41 -18.97
C PHE A 80 11.13 4.26 -20.46
N ASN A 81 12.19 3.63 -20.94
CA ASN A 81 12.23 3.15 -22.32
C ASN A 81 11.32 1.93 -22.45
N HIS A 82 10.63 1.84 -23.58
CA HIS A 82 9.65 0.80 -23.82
C HIS A 82 10.08 -0.09 -24.96
N PRO A 83 9.65 -1.36 -24.93
CA PRO A 83 8.83 -2.00 -23.89
C PRO A 83 9.65 -2.30 -22.64
N LYS A 84 8.97 -2.28 -21.50
CA LYS A 84 9.59 -2.58 -20.21
C LYS A 84 8.71 -3.56 -19.47
N ASN A 85 9.22 -4.78 -19.30
CA ASN A 85 8.54 -5.82 -18.56
C ASN A 85 9.11 -5.92 -17.16
N LEU A 86 8.25 -6.22 -16.21
CA LEU A 86 8.64 -6.43 -14.81
CA LEU A 86 8.68 -6.44 -14.84
C LEU A 86 8.22 -7.82 -14.38
N PHE A 87 9.05 -8.45 -13.58
CA PHE A 87 8.85 -9.82 -13.15
C PHE A 87 9.22 -9.90 -11.68
N ALA A 88 8.33 -10.47 -10.88
CA ALA A 88 8.62 -10.76 -9.47
C ALA A 88 8.50 -12.25 -9.25
N ALA A 89 9.61 -12.86 -8.87
CA ALA A 89 9.70 -14.30 -8.64
C ALA A 89 9.14 -14.70 -7.27
N ILE A 90 7.91 -14.30 -7.02
CA ILE A 90 7.29 -14.45 -5.71
C ILE A 90 7.21 -15.92 -5.29
N SER A 91 7.03 -16.84 -6.23
CA SER A 91 6.97 -18.25 -5.88
C SER A 91 8.27 -18.77 -5.28
N THR A 92 9.38 -18.05 -5.46
CA THR A 92 10.68 -18.45 -4.91
C THR A 92 10.99 -17.77 -3.59
N ARG A 93 10.11 -16.90 -3.14
CA ARG A 93 10.44 -16.08 -1.96
C ARG A 93 10.27 -16.81 -0.65
N GLN A 94 11.33 -16.76 0.14
CA GLN A 94 11.29 -17.07 1.54
C GLN A 94 11.36 -15.72 2.24
N TYR A 95 10.21 -15.17 2.59
CA TYR A 95 10.19 -13.89 3.26
C TYR A 95 10.58 -14.09 4.72
N ASN A 96 11.63 -13.40 5.13
CA ASN A 96 12.13 -13.50 6.49
C ASN A 96 11.60 -12.31 7.28
N TRP A 97 10.56 -12.56 8.06
CA TRP A 97 9.87 -11.51 8.80
C TRP A 97 10.66 -11.03 10.01
N ASN A 98 11.80 -11.65 10.29
CA ASN A 98 12.77 -11.09 11.24
C ASN A 98 13.67 -10.05 10.58
N ASN A 99 13.85 -10.15 9.26
CA ASN A 99 14.60 -9.16 8.51
C ASN A 99 13.73 -8.01 7.99
N ILE A 100 12.44 -8.28 7.77
CA ILE A 100 11.48 -7.27 7.32
C ILE A 100 10.97 -6.58 8.59
N LEU A 101 11.63 -5.50 8.97
CA LEU A 101 11.39 -4.83 10.24
C LEU A 101 10.12 -3.99 10.18
N PRO A 102 9.57 -3.64 11.36
CA PRO A 102 8.35 -2.84 11.38
C PRO A 102 8.55 -1.40 10.90
N THR A 103 9.75 -0.87 11.04
CA THR A 103 10.04 0.45 10.50
C THR A 103 11.53 0.56 10.30
N TYR A 104 11.93 1.60 9.56
CA TYR A 104 13.31 1.83 9.19
C TYR A 104 13.62 3.29 9.40
N SER A 105 14.70 3.56 10.11
CA SER A 105 15.13 4.94 10.30
C SER A 105 16.59 5.16 9.91
N GLY A 106 17.26 4.14 9.40
CA GLY A 106 18.56 4.30 8.77
C GLY A 106 19.66 3.37 9.23
N ARG A 107 19.71 3.02 10.51
CA ARG A 107 20.83 2.23 11.03
C ARG A 107 20.65 0.73 10.84
N GLU A 108 19.59 0.33 10.14
CA GLU A 108 19.36 -1.09 9.87
C GLU A 108 20.45 -1.64 8.95
N SER A 109 20.62 -2.95 8.96
CA SER A 109 21.58 -3.58 8.09
C SER A 109 21.11 -3.55 6.64
N ASN A 110 22.05 -3.72 5.72
CA ASN A 110 21.65 -3.82 4.33
C ASN A 110 20.74 -5.01 4.06
N VAL A 111 20.98 -6.13 4.73
CA VAL A 111 20.08 -7.27 4.59
C VAL A 111 18.65 -6.88 4.99
N GLN A 112 18.50 -6.15 6.08
CA GLN A 112 17.18 -5.71 6.51
C GLN A 112 16.54 -4.72 5.55
N LYS A 113 17.33 -3.80 5.03
CA LYS A 113 16.82 -2.83 4.04
C LYS A 113 16.41 -3.54 2.76
N MET A 114 17.21 -4.49 2.32
CA MET A 114 16.88 -5.22 1.11
C MET A 114 15.65 -6.10 1.31
N ALA A 115 15.44 -6.60 2.52
CA ALA A 115 14.27 -7.43 2.79
C ALA A 115 12.98 -6.66 2.60
N ILE A 116 12.89 -5.45 3.16
CA ILE A 116 11.68 -4.65 2.97
C ILE A 116 11.60 -4.17 1.52
N SER A 117 12.73 -3.82 0.91
CA SER A 117 12.68 -3.36 -0.48
C SER A 117 12.19 -4.47 -1.41
N GLU A 118 12.58 -5.71 -1.13
CA GLU A 118 12.14 -6.84 -1.93
C GLU A 118 10.63 -7.04 -1.80
N LEU A 119 10.11 -6.99 -0.57
CA LEU A 119 8.67 -7.09 -0.38
C LEU A 119 7.94 -5.95 -1.12
N MET A 120 8.43 -4.73 -0.96
CA MET A 120 7.80 -3.59 -1.65
C MET A 120 7.78 -3.76 -3.16
N ALA A 121 8.89 -4.22 -3.71
CA ALA A 121 9.01 -4.40 -5.15
C ALA A 121 8.08 -5.52 -5.63
N ASP A 122 8.03 -6.61 -4.88
CA ASP A 122 7.17 -7.74 -5.22
C ASP A 122 5.69 -7.32 -5.18
N VAL A 123 5.30 -6.64 -4.12
CA VAL A 123 3.92 -6.20 -4.01
C VAL A 123 3.57 -5.23 -5.12
N GLY A 124 4.44 -4.26 -5.36
CA GLY A 124 4.16 -3.31 -6.41
C GLY A 124 3.99 -3.95 -7.78
N ILE A 125 4.86 -4.91 -8.09
CA ILE A 125 4.74 -5.62 -9.36
C ILE A 125 3.42 -6.39 -9.44
N SER A 126 3.03 -7.00 -8.33
CA SER A 126 1.78 -7.77 -8.30
C SER A 126 0.53 -6.95 -8.51
N VAL A 127 0.63 -5.64 -8.36
CA VAL A 127 -0.50 -4.76 -8.60
C VAL A 127 -0.27 -3.85 -9.83
N ASP A 128 0.59 -4.29 -10.73
CA ASP A 128 0.82 -3.62 -12.02
C ASP A 128 1.18 -2.15 -11.82
N MET A 129 2.11 -1.89 -10.92
CA MET A 129 2.43 -0.54 -10.57
C MET A 129 2.95 0.28 -11.76
N ASP A 130 2.40 1.48 -11.94
CA ASP A 130 2.89 2.41 -12.94
C ASP A 130 3.97 3.27 -12.30
N TYR A 131 5.22 2.80 -12.36
CA TYR A 131 6.31 3.37 -11.60
C TYR A 131 6.74 4.74 -12.10
N GLY A 132 7.04 5.63 -11.15
CA GLY A 132 7.58 6.93 -11.46
C GLY A 132 8.01 7.64 -10.20
N PRO A 133 8.27 8.94 -10.30
CA PRO A 133 8.55 9.74 -9.12
C PRO A 133 7.41 9.59 -8.10
N SER A 134 6.20 9.48 -8.62
CA SER A 134 5.08 8.89 -7.89
C SER A 134 4.68 7.66 -8.69
N SER A 135 4.06 6.69 -8.02
CA SER A 135 3.74 5.42 -8.62
C SER A 135 2.30 5.03 -8.32
N GLY A 136 1.54 4.74 -9.37
CA GLY A 136 0.11 4.53 -9.25
C GLY A 136 -0.32 3.14 -9.68
N SER A 137 -1.37 2.65 -9.02
CA SER A 137 -1.97 1.35 -9.32
C SER A 137 -3.48 1.45 -9.22
N ALA A 138 -4.18 0.57 -9.93
CA ALA A 138 -5.62 0.47 -9.82
C ALA A 138 -6.05 0.16 -8.38
N GLY A 139 -5.19 -0.46 -7.60
CA GLY A 139 -5.47 -0.62 -6.18
C GLY A 139 -6.28 -1.84 -5.82
N SER A 140 -7.39 -1.62 -5.12
CA SER A 140 -8.18 -2.68 -4.48
C SER A 140 -8.35 -3.96 -5.27
N SER A 141 -8.81 -3.84 -6.51
CA SER A 141 -9.10 -5.01 -7.33
CA SER A 141 -9.10 -5.04 -7.28
C SER A 141 -7.87 -5.88 -7.52
N ARG A 142 -6.71 -5.24 -7.66
CA ARG A 142 -5.45 -5.95 -7.82
C ARG A 142 -4.91 -6.42 -6.48
N VAL A 143 -5.07 -5.61 -5.43
CA VAL A 143 -4.59 -5.98 -4.09
C VAL A 143 -5.26 -7.24 -3.60
N GLN A 144 -6.58 -7.33 -3.72
CA GLN A 144 -7.26 -8.51 -3.19
C GLN A 144 -6.80 -9.76 -3.94
N ARG A 145 -6.64 -9.65 -5.25
CA ARG A 145 -6.19 -10.79 -6.04
C ARG A 145 -4.77 -11.19 -5.65
N ALA A 146 -3.87 -10.21 -5.52
CA ALA A 146 -2.48 -10.50 -5.23
C ALA A 146 -2.35 -11.15 -3.87
N LEU A 147 -3.05 -10.62 -2.87
CA LEU A 147 -2.95 -11.16 -1.53
C LEU A 147 -3.29 -12.65 -1.53
N LYS A 148 -4.34 -13.05 -2.23
CA LYS A 148 -4.74 -14.44 -2.28
C LYS A 148 -3.83 -15.27 -3.19
N GLU A 149 -3.70 -14.84 -4.43
CA GLU A 149 -3.07 -15.68 -5.46
C GLU A 149 -1.55 -15.69 -5.37
N ASN A 150 -0.96 -14.55 -5.08
CA ASN A 150 0.49 -14.48 -5.03
C ASN A 150 1.02 -14.69 -3.62
N PHE A 151 0.28 -14.24 -2.61
CA PHE A 151 0.79 -14.23 -1.25
C PHE A 151 0.08 -15.17 -0.28
N GLY A 152 -0.88 -15.95 -0.76
CA GLY A 152 -1.47 -17.00 0.04
C GLY A 152 -2.33 -16.57 1.22
N TYR A 153 -2.91 -15.39 1.15
CA TYR A 153 -3.86 -14.98 2.17
C TYR A 153 -5.19 -15.72 2.01
N ASN A 154 -5.98 -15.68 3.07
CA ASN A 154 -7.26 -16.37 3.19
C ASN A 154 -8.25 -15.96 2.10
N GLN A 155 -9.12 -16.88 1.72
CA GLN A 155 -10.19 -16.58 0.78
C GLN A 155 -11.18 -15.54 1.32
N SER A 156 -11.11 -15.24 2.61
CA SER A 156 -11.89 -14.14 3.17
C SER A 156 -11.50 -12.78 2.59
N VAL A 157 -10.33 -12.66 1.97
CA VAL A 157 -9.89 -11.40 1.39
C VAL A 157 -10.81 -11.03 0.24
N HIS A 158 -11.37 -9.83 0.29
CA HIS A 158 -12.18 -9.36 -0.81
C HIS A 158 -12.29 -7.84 -0.81
N GLN A 159 -12.51 -7.28 -1.99
CA GLN A 159 -12.80 -5.86 -2.15
C GLN A 159 -14.26 -5.53 -1.85
N ILE A 160 -14.50 -4.42 -1.17
CA ILE A 160 -15.83 -3.85 -1.03
C ILE A 160 -15.79 -2.42 -1.54
N ASN A 161 -16.86 -2.03 -2.22
CA ASN A 161 -16.97 -0.70 -2.78
C ASN A 161 -17.99 0.13 -1.99
N ARG A 162 -17.61 1.37 -1.68
CA ARG A 162 -18.45 2.24 -0.87
C ARG A 162 -19.86 2.39 -1.47
N SER A 163 -19.95 2.42 -2.79
CA SER A 163 -21.21 2.63 -3.47
C SER A 163 -22.22 1.50 -3.27
N ASP A 164 -21.76 0.35 -2.78
CA ASP A 164 -22.62 -0.81 -2.61
C ASP A 164 -23.26 -0.88 -1.22
N PHE A 165 -22.99 0.10 -0.36
CA PHE A 165 -23.43 0.05 1.02
C PHE A 165 -23.91 1.40 1.50
N SER A 166 -24.84 1.38 2.46
CA SER A 166 -25.15 2.58 3.23
C SER A 166 -23.93 2.99 4.06
N LYS A 167 -23.90 4.24 4.52
CA LYS A 167 -22.85 4.66 5.43
C LYS A 167 -22.76 3.73 6.64
N GLN A 168 -23.92 3.43 7.22
CA GLN A 168 -23.95 2.58 8.40
C GLN A 168 -23.30 1.23 8.11
N ASP A 169 -23.71 0.58 7.02
CA ASP A 169 -23.25 -0.78 6.76
C ASP A 169 -21.78 -0.78 6.32
N TRP A 170 -21.36 0.28 5.65
CA TRP A 170 -19.96 0.43 5.27
C TRP A 170 -19.09 0.51 6.51
N GLU A 171 -19.44 1.44 7.40
CA GLU A 171 -18.67 1.65 8.61
C GLU A 171 -18.72 0.42 9.51
N ALA A 172 -19.86 -0.29 9.52
CA ALA A 172 -19.95 -1.51 10.31
C ALA A 172 -18.96 -2.57 9.82
N GLN A 173 -18.74 -2.65 8.51
CA GLN A 173 -17.78 -3.61 7.98
C GLN A 173 -16.36 -3.25 8.40
N ILE A 174 -16.02 -1.96 8.36
CA ILE A 174 -14.71 -1.53 8.83
C ILE A 174 -14.57 -1.85 10.33
N ASP A 175 -15.59 -1.53 11.12
CA ASP A 175 -15.53 -1.82 12.54
C ASP A 175 -15.31 -3.30 12.80
N LYS A 176 -15.98 -4.15 12.03
CA LYS A 176 -15.86 -5.58 12.25
C LYS A 176 -14.41 -6.03 12.03
N GLU A 177 -13.78 -5.55 10.98
CA GLU A 177 -12.37 -5.86 10.73
C GLU A 177 -11.52 -5.45 11.93
N LEU A 178 -11.73 -4.22 12.40
CA LEU A 178 -10.92 -3.73 13.51
C LEU A 178 -11.15 -4.56 14.78
N SER A 179 -12.38 -5.02 14.98
CA SER A 179 -12.71 -5.86 16.13
C SER A 179 -12.02 -7.20 16.08
N GLN A 180 -11.62 -7.62 14.88
CA GLN A 180 -10.88 -8.85 14.66
C GLN A 180 -9.37 -8.61 14.55
N ASN A 181 -8.92 -7.41 14.92
CA ASN A 181 -7.52 -7.03 14.82
C ASN A 181 -6.99 -7.21 13.39
N GLN A 182 -7.79 -6.77 12.44
CA GLN A 182 -7.45 -6.84 11.02
C GLN A 182 -7.43 -5.45 10.40
N PRO A 183 -6.23 -4.86 10.24
CA PRO A 183 -6.15 -3.60 9.49
C PRO A 183 -6.77 -3.75 8.12
N VAL A 184 -7.30 -2.64 7.62
CA VAL A 184 -8.06 -2.58 6.37
C VAL A 184 -7.32 -1.77 5.33
N TYR A 185 -7.21 -2.29 4.11
CA TYR A 185 -6.67 -1.55 2.99
C TYR A 185 -7.78 -0.65 2.48
N TYR A 186 -7.48 0.60 2.17
CA TYR A 186 -8.53 1.55 1.80
C TYR A 186 -7.98 2.49 0.77
N GLN A 187 -8.83 2.96 -0.13
CA GLN A 187 -8.41 3.97 -1.09
C GLN A 187 -9.57 4.87 -1.47
N GLY A 188 -9.20 6.05 -1.97
CA GLY A 188 -10.19 6.97 -2.47
C GLY A 188 -9.56 7.95 -3.46
N VAL A 189 -10.39 8.77 -4.08
CA VAL A 189 -9.96 9.63 -5.16
C VAL A 189 -10.40 11.06 -4.86
N GLY A 190 -9.48 12.01 -5.02
CA GLY A 190 -9.80 13.41 -4.86
C GLY A 190 -9.81 14.12 -6.19
N LYS A 191 -9.83 15.45 -6.14
CA LYS A 191 -10.02 16.26 -7.33
C LYS A 191 -8.89 16.09 -8.31
N VAL A 192 -7.68 15.90 -7.80
CA VAL A 192 -6.52 15.84 -8.67
C VAL A 192 -5.62 14.69 -8.23
N GLY A 193 -6.24 13.54 -7.99
CA GLY A 193 -5.49 12.34 -7.70
C GLY A 193 -6.06 11.52 -6.57
N GLY A 194 -5.81 10.22 -6.62
CA GLY A 194 -6.19 9.31 -5.55
C GLY A 194 -5.01 8.78 -4.75
N HIS A 195 -5.32 8.02 -3.71
CA HIS A 195 -4.33 7.54 -2.77
C HIS A 195 -4.92 6.33 -2.06
N ALA A 196 -4.04 5.48 -1.58
CA ALA A 196 -4.36 4.28 -0.84
C ALA A 196 -3.61 4.30 0.48
N PHE A 197 -4.20 3.67 1.48
CA PHE A 197 -3.77 3.85 2.84
C PHE A 197 -4.38 2.73 3.69
N VAL A 198 -4.14 2.77 5.00
CA VAL A 198 -4.60 1.73 5.91
C VAL A 198 -5.49 2.35 6.98
N ILE A 199 -6.65 1.74 7.20
CA ILE A 199 -7.48 2.06 8.34
C ILE A 199 -7.19 1.03 9.43
N ASP A 200 -6.80 1.48 10.62
CA ASP A 200 -6.35 0.57 11.65
C ASP A 200 -6.80 0.94 13.06
N GLY A 201 -7.82 1.78 13.19
CA GLY A 201 -8.33 2.11 14.50
C GLY A 201 -9.54 2.99 14.39
N ALA A 202 -10.12 3.35 15.53
CA ALA A 202 -11.36 4.13 15.59
C ALA A 202 -11.46 4.79 16.96
N ASP A 203 -12.06 5.98 17.02
CA ASP A 203 -12.08 6.75 18.27
C ASP A 203 -13.44 6.86 18.95
N GLY A 204 -14.45 6.20 18.40
CA GLY A 204 -15.80 6.26 18.95
C GLY A 204 -16.60 7.51 18.56
N ARG A 205 -15.97 8.39 17.79
CA ARG A 205 -16.60 9.63 17.34
C ARG A 205 -17.05 9.51 15.89
N ASN A 206 -17.03 8.31 15.32
CA ASN A 206 -17.22 8.08 13.87
C ASN A 206 -16.01 8.55 13.03
N PHE A 207 -14.86 8.64 13.69
CA PHE A 207 -13.58 8.86 13.05
C PHE A 207 -12.76 7.56 13.09
N TYR A 208 -11.88 7.42 12.13
CA TYR A 208 -11.03 6.24 11.99
C TYR A 208 -9.59 6.66 11.97
N HIS A 209 -8.73 5.82 12.52
CA HIS A 209 -7.30 6.07 12.45
C HIS A 209 -6.77 5.64 11.11
N VAL A 210 -6.00 6.53 10.49
CA VAL A 210 -5.45 6.32 9.16
C VAL A 210 -3.93 6.37 9.24
N ASN A 211 -3.30 5.40 8.58
CA ASN A 211 -1.88 5.41 8.30
C ASN A 211 -1.74 5.63 6.80
N TRP A 212 -1.24 6.81 6.43
CA TRP A 212 -1.23 7.22 5.04
C TRP A 212 -0.09 6.62 4.24
N GLY A 213 0.86 5.95 4.90
CA GLY A 213 1.95 5.35 4.16
C GLY A 213 3.05 6.33 3.77
N TRP A 214 3.17 7.41 4.54
CA TRP A 214 4.16 8.45 4.30
C TRP A 214 5.11 8.54 5.49
N GLY A 215 5.41 7.40 6.07
CA GLY A 215 6.35 7.33 7.18
C GLY A 215 5.84 7.96 8.46
N GLY A 216 4.55 8.23 8.54
CA GLY A 216 3.97 8.86 9.71
C GLY A 216 3.34 10.20 9.42
N VAL A 217 3.78 10.86 8.37
CA VAL A 217 3.25 12.17 8.01
C VAL A 217 1.71 12.11 7.89
N SER A 218 1.05 12.99 8.63
CA SER A 218 -0.40 13.18 8.64
C SER A 218 -1.23 12.05 9.24
N ASP A 219 -0.59 11.01 9.76
CA ASP A 219 -1.40 9.94 10.36
C ASP A 219 -2.25 10.52 11.49
N GLY A 220 -3.45 10.00 11.68
CA GLY A 220 -4.34 10.53 12.68
C GLY A 220 -5.76 10.05 12.44
N PHE A 221 -6.71 10.76 13.05
CA PHE A 221 -8.12 10.39 12.98
C PHE A 221 -8.86 11.21 11.96
N PHE A 222 -9.62 10.52 11.10
CA PHE A 222 -10.34 11.13 10.02
C PHE A 222 -11.69 10.46 9.86
N ARG A 223 -12.69 11.26 9.51
CA ARG A 223 -13.96 10.72 9.03
C ARG A 223 -13.79 10.20 7.63
N LEU A 224 -14.52 9.15 7.28
CA LEU A 224 -14.36 8.53 5.97
C LEU A 224 -14.88 9.39 4.82
N ASP A 225 -15.66 10.41 5.14
CA ASP A 225 -16.07 11.40 4.13
C ASP A 225 -15.22 12.68 4.21
N ALA A 226 -14.11 12.65 4.94
CA ALA A 226 -13.20 13.78 5.01
C ALA A 226 -11.77 13.29 5.18
N LEU A 227 -11.36 12.45 4.23
CA LEU A 227 -10.03 11.85 4.21
C LEU A 227 -9.08 12.88 3.61
N ASN A 228 -8.75 13.86 4.43
CA ASN A 228 -8.12 15.10 3.99
C ASN A 228 -6.87 15.41 4.80
N PRO A 229 -5.80 14.67 4.57
CA PRO A 229 -4.56 14.96 5.30
C PRO A 229 -4.03 16.35 4.96
N SER A 230 -3.40 17.01 5.93
CA SER A 230 -2.87 18.36 5.71
C SER A 230 -1.53 18.26 4.96
N ALA A 231 -0.49 17.79 5.63
CA ALA A 231 0.77 17.55 4.96
C ALA A 231 0.64 16.32 4.05
N LEU A 232 1.14 16.42 2.83
CA LEU A 232 1.03 15.34 1.87
C LEU A 232 2.39 14.75 1.56
N GLY A 233 2.42 13.44 1.40
CA GLY A 233 3.62 12.74 0.99
C GLY A 233 3.59 12.42 -0.49
N THR A 234 4.47 11.51 -0.89
CA THR A 234 4.63 11.17 -2.29
C THR A 234 3.32 10.61 -2.84
N GLY A 235 2.91 11.11 -4.01
CA GLY A 235 1.66 10.69 -4.64
C GLY A 235 0.41 11.29 -4.02
N GLY A 236 0.57 12.28 -3.14
CA GLY A 236 -0.56 12.80 -2.40
C GLY A 236 -1.55 13.65 -3.19
N GLY A 237 -1.20 14.05 -4.40
CA GLY A 237 -2.09 14.85 -5.22
C GLY A 237 -2.48 16.12 -4.49
N ALA A 238 -3.79 16.43 -4.43
CA ALA A 238 -4.25 17.53 -3.59
C ALA A 238 -5.07 17.02 -2.40
N GLY A 239 -4.85 15.78 -1.99
CA GLY A 239 -5.54 15.24 -0.84
C GLY A 239 -7.02 15.08 -1.08
N GLY A 240 -7.80 15.05 0.01
CA GLY A 240 -9.25 14.93 -0.08
C GLY A 240 -9.74 13.71 -0.84
N PHE A 241 -9.43 12.53 -0.31
CA PHE A 241 -9.62 11.26 -1.02
C PHE A 241 -11.00 10.67 -0.75
N ASN A 242 -12.01 11.45 -1.14
CA ASN A 242 -13.37 11.21 -0.68
C ASN A 242 -14.27 10.55 -1.71
N GLY A 243 -13.80 10.45 -2.96
CA GLY A 243 -14.59 9.84 -4.01
C GLY A 243 -14.19 8.43 -4.34
N TYR A 244 -15.12 7.70 -4.94
CA TYR A 244 -14.87 6.36 -5.46
C TYR A 244 -14.10 5.49 -4.48
N GLN A 245 -14.56 5.45 -3.25
CA GLN A 245 -13.85 4.71 -2.23
C GLN A 245 -14.07 3.22 -2.34
N SER A 246 -13.02 2.48 -2.01
CA SER A 246 -13.10 1.04 -1.87
C SER A 246 -12.12 0.60 -0.82
N ALA A 247 -12.29 -0.64 -0.41
CA ALA A 247 -11.46 -1.21 0.62
C ALA A 247 -11.24 -2.67 0.32
N VAL A 248 -10.19 -3.23 0.90
CA VAL A 248 -9.99 -4.67 0.92
C VAL A 248 -10.02 -5.09 2.37
N VAL A 249 -10.94 -6.01 2.67
CA VAL A 249 -11.23 -6.50 4.00
C VAL A 249 -11.03 -8.01 4.03
N GLY A 250 -11.12 -8.58 5.22
CA GLY A 250 -10.90 -10.01 5.38
C GLY A 250 -9.44 -10.39 5.28
N ILE A 251 -8.53 -9.45 5.49
CA ILE A 251 -7.12 -9.73 5.29
C ILE A 251 -6.56 -10.45 6.50
N LYS A 252 -6.28 -11.74 6.30
CA LYS A 252 -5.68 -12.57 7.34
C LYS A 252 -5.07 -13.78 6.62
N PRO A 253 -4.12 -14.45 7.28
CA PRO A 253 -3.52 -15.62 6.63
C PRO A 253 -4.50 -16.76 6.40
N LEU A 254 -4.14 -17.63 5.49
CA LEU A 254 -4.79 -18.93 5.35
C LEU A 254 -4.67 -19.65 6.69
#